data_8ZE8
#
_entry.id   8ZE8
#
_cell.length_a   39.922
_cell.length_b   52.074
_cell.length_c   56.909
_cell.angle_alpha   111.42
_cell.angle_beta   90.16
_cell.angle_gamma   112.46
#
_symmetry.space_group_name_H-M   'P 1'
#
loop_
_entity.id
_entity.type
_entity.pdbx_description
1 polymer 'Arf-GAP with SH3 domain, ANK repeat and PH domain-containing protein 1'
2 polymer Ankyrin-2
3 non-polymer GLYCEROL
4 water water
#
loop_
_entity_poly.entity_id
_entity_poly.type
_entity_poly.pdbx_seq_one_letter_code
_entity_poly.pdbx_strand_id
1 'polypeptide(L)' GPGSGKNKVRRVKTIYDCQADNDDELTFIEGEVIIVTGEEDQEWWIGHIEGQPERKGVFPVSFVHILSD A,B,D,G
2 'polypeptide(L)' GIKKPVRRKLKE E,C,F,H
#
# COMPACT_ATOMS: atom_id res chain seq x y z
N LYS A 8 18.86 -14.53 22.73
CA LYS A 8 17.92 -15.63 23.00
C LYS A 8 17.07 -15.99 21.78
N VAL A 9 16.39 -15.01 21.21
CA VAL A 9 15.50 -15.27 20.08
C VAL A 9 16.32 -15.39 18.79
N ARG A 10 16.07 -16.44 18.03
CA ARG A 10 16.81 -16.65 16.79
C ARG A 10 15.94 -16.68 15.55
N ARG A 11 14.74 -17.26 15.62
CA ARG A 11 13.85 -17.33 14.46
C ARG A 11 12.52 -16.69 14.80
N VAL A 12 12.03 -15.84 13.90
CA VAL A 12 10.71 -15.23 14.04
C VAL A 12 9.95 -15.43 12.75
N LYS A 13 8.64 -15.32 12.85
CA LYS A 13 7.79 -15.45 11.68
C LYS A 13 7.01 -14.15 11.59
N THR A 14 7.00 -13.56 10.41
CA THR A 14 6.32 -12.27 10.23
C THR A 14 4.81 -12.45 10.20
N ILE A 15 4.10 -11.50 10.81
CA ILE A 15 2.66 -11.57 10.92
C ILE A 15 1.94 -10.43 10.21
N TYR A 16 2.67 -9.43 9.71
CA TYR A 16 2.14 -8.39 8.84
C TYR A 16 3.13 -8.18 7.70
N ASP A 17 2.64 -7.57 6.63
CA ASP A 17 3.50 -6.99 5.62
C ASP A 17 4.25 -5.80 6.19
N CYS A 18 5.40 -5.49 5.62
CA CYS A 18 6.21 -4.36 6.09
C CYS A 18 7.07 -3.86 4.94
N GLN A 19 6.91 -2.59 4.60
CA GLN A 19 7.74 -1.91 3.62
C GLN A 19 8.69 -0.99 4.36
N ALA A 20 9.98 -1.11 4.04
CA ALA A 20 10.98 -0.28 4.67
C ALA A 20 10.70 1.20 4.42
N ASP A 21 10.87 2.00 5.46
CA ASP A 21 10.82 3.44 5.38
C ASP A 21 12.19 4.06 5.25
N ASN A 22 13.24 3.33 5.62
CA ASN A 22 14.61 3.81 5.62
C ASN A 22 15.46 2.71 5.02
N ASP A 23 16.63 3.10 4.56
CA ASP A 23 17.47 2.21 3.76
C ASP A 23 18.19 1.17 4.61
N ASP A 24 18.02 1.10 5.92
CA ASP A 24 18.56 -0.03 6.67
C ASP A 24 17.47 -1.00 7.09
N GLU A 25 16.23 -0.80 6.63
CA GLU A 25 15.07 -1.54 7.09
C GLU A 25 14.74 -2.67 6.14
N LEU A 26 14.26 -3.78 6.72
CA LEU A 26 13.86 -4.95 5.95
C LEU A 26 12.42 -4.81 5.48
N THR A 27 12.21 -5.11 4.20
CA THR A 27 10.92 -5.17 3.57
C THR A 27 10.55 -6.63 3.48
N PHE A 28 9.32 -6.94 3.89
CA PHE A 28 8.86 -8.32 3.91
C PHE A 28 7.35 -8.37 3.78
N ILE A 29 6.84 -9.55 3.46
CA ILE A 29 5.42 -9.85 3.53
C ILE A 29 5.19 -10.74 4.73
N GLU A 30 3.91 -10.88 5.08
CA GLU A 30 3.47 -11.78 6.12
C GLU A 30 3.83 -13.22 5.79
N GLY A 31 4.07 -14.01 6.83
CA GLY A 31 4.36 -15.41 6.69
C GLY A 31 5.83 -15.77 6.46
N GLU A 32 6.76 -14.82 6.46
CA GLU A 32 8.16 -15.16 6.19
C GLU A 32 8.90 -15.39 7.49
N VAL A 33 9.90 -16.24 7.44
CA VAL A 33 10.77 -16.47 8.59
C VAL A 33 12.00 -15.56 8.52
N ILE A 34 12.28 -14.89 9.63
CA ILE A 34 13.46 -14.06 9.79
C ILE A 34 14.42 -14.73 10.78
N ILE A 35 15.68 -14.76 10.41
CA ILE A 35 16.76 -15.10 11.33
C ILE A 35 17.20 -13.82 12.00
N VAL A 36 17.07 -13.77 13.31
CA VAL A 36 17.41 -12.61 14.09
C VAL A 36 18.88 -12.66 14.38
N THR A 37 19.60 -11.61 13.96
CA THR A 37 21.03 -11.57 14.16
C THR A 37 21.43 -10.41 15.05
N GLY A 38 20.51 -9.60 15.51
CA GLY A 38 20.89 -8.46 16.33
C GLY A 38 19.67 -7.72 16.77
N GLU A 39 19.90 -6.71 17.62
CA GLU A 39 18.83 -5.86 18.16
C GLU A 39 19.24 -4.40 18.09
N GLU A 40 18.32 -3.56 17.65
CA GLU A 40 18.50 -2.14 17.82
C GLU A 40 17.92 -1.69 19.15
N ASP A 41 16.68 -2.04 19.41
CA ASP A 41 16.09 -1.78 20.71
C ASP A 41 14.93 -2.72 20.88
N GLN A 42 14.13 -2.46 21.90
CA GLN A 42 13.04 -3.35 22.23
C GLN A 42 12.02 -3.41 21.12
N GLU A 43 11.93 -2.38 20.28
CA GLU A 43 10.92 -2.40 19.25
C GLU A 43 11.47 -2.76 17.88
N TRP A 44 12.78 -2.77 17.71
CA TRP A 44 13.41 -2.97 16.42
C TRP A 44 14.55 -3.98 16.57
N TRP A 45 14.48 -5.07 15.85
CA TRP A 45 15.53 -6.06 15.80
C TRP A 45 16.13 -6.03 14.41
N ILE A 46 17.20 -6.82 14.22
CA ILE A 46 17.93 -6.88 12.96
C ILE A 46 18.01 -8.34 12.54
N GLY A 47 17.86 -8.58 11.25
CA GLY A 47 17.90 -9.96 10.81
C GLY A 47 17.83 -10.05 9.32
N HIS A 48 17.59 -11.27 8.85
CA HIS A 48 17.50 -11.53 7.44
C HIS A 48 16.54 -12.66 7.17
N ILE A 49 16.09 -12.74 5.93
CA ILE A 49 15.10 -13.74 5.55
C ILE A 49 15.75 -15.11 5.50
N GLU A 50 15.12 -16.07 6.18
CA GLU A 50 15.56 -17.44 6.11
C GLU A 50 15.37 -17.95 4.68
N GLY A 51 16.45 -18.48 4.12
CA GLY A 51 16.46 -18.90 2.74
C GLY A 51 16.82 -17.81 1.76
N GLN A 52 16.79 -16.54 2.16
CA GLN A 52 17.13 -15.42 1.27
C GLN A 52 17.94 -14.40 2.06
N PRO A 53 19.16 -14.77 2.47
CA PRO A 53 19.92 -13.95 3.43
C PRO A 53 20.30 -12.59 2.90
N GLU A 54 20.23 -12.42 1.58
CA GLU A 54 20.53 -11.12 1.02
C GLU A 54 19.44 -10.11 1.36
N ARG A 55 18.25 -10.58 1.71
CA ARG A 55 17.19 -9.71 2.18
C ARG A 55 17.33 -9.52 3.68
N LYS A 56 17.80 -8.35 4.11
CA LYS A 56 18.18 -8.15 5.51
C LYS A 56 17.96 -6.72 5.93
N GLY A 57 17.91 -6.51 7.24
CA GLY A 57 17.85 -5.18 7.78
C GLY A 57 17.10 -5.17 9.11
N VAL A 58 16.75 -3.95 9.53
CA VAL A 58 16.06 -3.70 10.81
C VAL A 58 14.56 -3.88 10.63
N PHE A 59 13.89 -4.46 11.62
CA PHE A 59 12.46 -4.70 11.48
C PHE A 59 11.76 -4.58 12.81
N PRO A 60 10.46 -4.27 12.79
CA PRO A 60 9.75 -4.03 14.04
C PRO A 60 9.40 -5.36 14.69
N VAL A 61 9.67 -5.44 15.99
CA VAL A 61 9.41 -6.69 16.72
C VAL A 61 7.92 -6.98 16.76
N SER A 62 7.10 -5.94 16.81
CA SER A 62 5.66 -6.13 16.88
C SER A 62 5.12 -6.73 15.61
N PHE A 63 5.91 -6.84 14.56
CA PHE A 63 5.41 -7.39 13.32
C PHE A 63 5.73 -8.85 13.16
N VAL A 64 6.28 -9.50 14.21
CA VAL A 64 6.69 -10.90 14.13
C VAL A 64 6.21 -11.68 15.35
N HIS A 65 6.13 -12.98 15.16
CA HIS A 65 5.90 -13.91 16.25
C HIS A 65 7.16 -14.72 16.46
N ILE A 66 7.55 -14.88 17.72
CA ILE A 66 8.73 -15.69 18.03
C ILE A 66 8.49 -17.13 17.63
N LEU A 67 9.48 -17.70 16.94
CA LEU A 67 9.37 -19.06 16.44
C LEU A 67 10.35 -20.01 17.12
N SER A 68 11.63 -19.66 17.16
CA SER A 68 12.67 -20.51 17.72
C SER A 68 13.60 -19.72 18.64
N ASP A 69 14.01 -20.39 19.73
CA ASP A 69 15.07 -19.91 20.63
C ASP A 69 14.67 -18.57 21.24
N ILE B 2 -2.63 -0.86 12.74
CA ILE B 2 -1.42 -1.52 13.21
C ILE B 2 -0.24 -0.63 12.88
N LYS B 3 0.18 0.14 13.88
CA LYS B 3 1.19 1.16 13.69
C LYS B 3 2.61 0.66 13.93
N LYS B 4 3.49 1.05 13.06
CA LYS B 4 4.89 0.72 13.21
C LYS B 4 5.50 1.66 14.25
N PRO B 5 6.20 1.14 15.25
CA PRO B 5 6.83 2.05 16.21
C PRO B 5 7.89 2.89 15.52
N VAL B 6 8.16 4.04 16.10
CA VAL B 6 9.10 4.95 15.46
C VAL B 6 10.51 4.41 15.69
N ARG B 7 11.39 4.73 14.74
CA ARG B 7 12.83 4.52 14.90
C ARG B 7 13.34 5.61 15.81
N ARG B 8 14.24 5.26 16.72
CA ARG B 8 14.88 6.30 17.53
C ARG B 8 16.28 5.94 17.99
N LYS C 8 -2.60 -15.99 -7.78
CA LYS C 8 -2.34 -14.58 -7.58
C LYS C 8 -2.74 -14.01 -6.21
N VAL C 9 -3.95 -14.34 -5.78
CA VAL C 9 -4.53 -13.62 -4.65
C VAL C 9 -3.80 -13.99 -3.38
N ARG C 10 -3.42 -12.99 -2.61
CA ARG C 10 -2.72 -13.24 -1.35
C ARG C 10 -3.48 -12.74 -0.14
N ARG C 11 -4.12 -11.57 -0.23
CA ARG C 11 -4.84 -10.96 0.88
C ARG C 11 -6.26 -10.65 0.45
N VAL C 12 -7.20 -11.00 1.31
CA VAL C 12 -8.61 -10.68 1.10
C VAL C 12 -9.10 -10.07 2.40
N LYS C 13 -10.21 -9.34 2.29
CA LYS C 13 -10.89 -8.72 3.40
C LYS C 13 -12.29 -9.30 3.46
N THR C 14 -12.68 -9.79 4.63
CA THR C 14 -13.99 -10.41 4.77
C THR C 14 -15.08 -9.35 4.77
N ILE C 15 -16.19 -9.66 4.14
CA ILE C 15 -17.31 -8.74 4.02
C ILE C 15 -18.57 -9.25 4.69
N TYR C 16 -18.59 -10.50 5.16
CA TYR C 16 -19.67 -11.01 5.99
C TYR C 16 -19.03 -11.74 7.16
N ASP C 17 -19.83 -11.91 8.20
CA ASP C 17 -19.54 -12.86 9.25
C ASP C 17 -19.64 -14.28 8.69
N CYS C 18 -18.91 -15.22 9.30
CA CYS C 18 -18.94 -16.61 8.84
C CYS C 18 -18.61 -17.53 10.01
N GLN C 19 -19.52 -18.46 10.33
CA GLN C 19 -19.29 -19.47 11.35
C GLN C 19 -19.02 -20.80 10.66
N ALA C 20 -17.92 -21.44 11.03
CA ALA C 20 -17.59 -22.71 10.40
C ALA C 20 -18.69 -23.72 10.59
N ASP C 21 -18.95 -24.49 9.54
CA ASP C 21 -19.86 -25.62 9.58
C ASP C 21 -19.13 -26.93 9.73
N ASN C 22 -17.84 -26.94 9.43
CA ASN C 22 -17.00 -28.13 9.45
C ASN C 22 -15.71 -27.78 10.14
N ASP C 23 -15.03 -28.83 10.59
CA ASP C 23 -13.86 -28.67 11.43
C ASP C 23 -12.62 -28.23 10.66
N ASP C 24 -12.70 -28.06 9.35
CA ASP C 24 -11.58 -27.45 8.61
C ASP C 24 -11.87 -26.03 8.15
N GLU C 25 -13.01 -25.46 8.56
CA GLU C 25 -13.47 -24.18 8.07
C GLU C 25 -13.12 -23.07 9.03
N LEU C 26 -12.82 -21.90 8.45
CA LEU C 26 -12.48 -20.71 9.21
C LEU C 26 -13.72 -19.94 9.66
N THR C 27 -13.73 -19.56 10.93
CA THR C 27 -14.74 -18.70 11.52
C THR C 27 -14.17 -17.31 11.62
N PHE C 28 -14.95 -16.32 11.17
CA PHE C 28 -14.50 -14.96 11.16
C PHE C 28 -15.69 -14.02 11.24
N ILE C 29 -15.41 -12.77 11.55
CA ILE C 29 -16.38 -11.70 11.42
C ILE C 29 -15.98 -10.86 10.21
N GLU C 30 -16.91 -10.02 9.80
CA GLU C 30 -16.69 -9.04 8.75
C GLU C 30 -15.55 -8.10 9.12
N GLY C 31 -14.86 -7.57 8.10
CA GLY C 31 -13.78 -6.63 8.29
C GLY C 31 -12.41 -7.25 8.56
N GLU C 32 -12.27 -8.56 8.57
CA GLU C 32 -10.97 -9.15 8.90
C GLU C 32 -10.17 -9.46 7.65
N VAL C 33 -8.87 -9.37 7.77
CA VAL C 33 -7.98 -9.70 6.66
C VAL C 33 -7.55 -11.15 6.77
N ILE C 34 -7.69 -11.87 5.65
CA ILE C 34 -7.24 -13.24 5.51
C ILE C 34 -6.05 -13.27 4.55
N ILE C 35 -5.02 -14.01 4.94
CA ILE C 35 -3.93 -14.41 4.06
C ILE C 35 -4.33 -15.70 3.36
N VAL C 36 -4.39 -15.65 2.03
CA VAL C 36 -4.80 -16.80 1.23
C VAL C 36 -3.57 -17.66 0.99
N THR C 37 -3.63 -18.92 1.43
CA THR C 37 -2.51 -19.84 1.32
C THR C 37 -2.84 -21.07 0.50
N GLY C 38 -4.06 -21.15 -0.03
CA GLY C 38 -4.47 -22.33 -0.77
C GLY C 38 -5.85 -22.14 -1.35
N GLU C 39 -6.23 -23.11 -2.19
CA GLU C 39 -7.54 -23.13 -2.82
C GLU C 39 -8.09 -24.55 -2.75
N GLU C 40 -9.35 -24.67 -2.36
CA GLU C 40 -10.05 -25.94 -2.52
C GLU C 40 -10.77 -26.00 -3.86
N ASP C 41 -11.55 -24.97 -4.16
CA ASP C 41 -12.10 -24.87 -5.51
C ASP C 41 -12.43 -23.38 -5.78
N GLN C 42 -13.20 -23.07 -6.83
CA GLN C 42 -13.52 -21.69 -7.20
C GLN C 42 -14.42 -21.00 -6.13
N GLU C 43 -15.12 -21.73 -5.23
CA GLU C 43 -15.91 -21.06 -4.23
C GLU C 43 -15.28 -21.09 -2.85
N TRP C 44 -14.24 -21.90 -2.66
CA TRP C 44 -13.66 -22.10 -1.35
C TRP C 44 -12.14 -22.01 -1.41
N TRP C 45 -11.57 -21.08 -0.66
CA TRP C 45 -10.15 -20.92 -0.54
C TRP C 45 -9.71 -21.26 0.86
N ILE C 46 -8.40 -21.26 1.07
CA ILE C 46 -7.81 -21.67 2.34
C ILE C 46 -6.89 -20.56 2.81
N GLY C 47 -6.89 -20.28 4.10
CA GLY C 47 -6.06 -19.20 4.57
C GLY C 47 -6.10 -19.06 6.06
N HIS C 48 -5.57 -17.94 6.52
CA HIS C 48 -5.55 -17.68 7.94
C HIS C 48 -5.65 -16.20 8.20
N ILE C 49 -6.03 -15.87 9.44
CA ILE C 49 -6.26 -14.46 9.79
C ILE C 49 -4.92 -13.75 9.85
N GLU C 50 -4.83 -12.61 9.16
CA GLU C 50 -3.64 -11.80 9.25
C GLU C 50 -3.49 -11.24 10.65
N GLY C 51 -2.36 -11.50 11.27
CA GLY C 51 -2.14 -11.13 12.64
C GLY C 51 -2.56 -12.19 13.64
N GLN C 52 -3.33 -13.19 13.23
CA GLN C 52 -3.76 -14.28 14.12
C GLN C 52 -3.68 -15.58 13.39
N PRO C 53 -2.47 -16.02 13.04
CA PRO C 53 -2.30 -17.12 12.08
C PRO C 53 -2.85 -18.43 12.58
N GLU C 54 -3.07 -18.56 13.88
CA GLU C 54 -3.64 -19.80 14.39
C GLU C 54 -5.11 -19.94 14.06
N ARG C 55 -5.75 -18.84 13.67
CA ARG C 55 -7.11 -18.88 13.16
C ARG C 55 -7.04 -19.10 11.66
N LYS C 56 -7.39 -20.31 11.21
CA LYS C 56 -7.09 -20.70 9.84
C LYS C 56 -8.09 -21.74 9.36
N GLY C 57 -8.21 -21.88 8.05
CA GLY C 57 -9.05 -22.92 7.50
C GLY C 57 -9.61 -22.50 6.16
N VAL C 58 -10.61 -23.27 5.70
CA VAL C 58 -11.26 -23.09 4.41
C VAL C 58 -12.37 -22.07 4.57
N PHE C 59 -12.54 -21.19 3.59
CA PHE C 59 -13.54 -20.14 3.70
C PHE C 59 -14.14 -19.85 2.36
N PRO C 60 -15.36 -19.32 2.30
CA PRO C 60 -16.01 -19.07 1.03
C PRO C 60 -15.48 -17.81 0.37
N VAL C 61 -15.14 -17.91 -0.91
CA VAL C 61 -14.59 -16.78 -1.64
C VAL C 61 -15.61 -15.66 -1.73
N SER C 62 -16.89 -16.02 -1.81
CA SER C 62 -17.94 -15.01 -1.90
C SER C 62 -18.08 -14.21 -0.64
N PHE C 63 -17.42 -14.57 0.45
CA PHE C 63 -17.54 -13.78 1.68
C PHE C 63 -16.39 -12.81 1.83
N VAL C 64 -15.54 -12.67 0.81
CA VAL C 64 -14.40 -11.78 0.93
C VAL C 64 -14.28 -10.88 -0.29
N HIS C 65 -13.58 -9.77 -0.07
CA HIS C 65 -13.18 -8.86 -1.14
C HIS C 65 -11.67 -8.97 -1.33
N ILE C 66 -11.23 -9.04 -2.56
CA ILE C 66 -9.79 -9.15 -2.85
C ILE C 66 -9.10 -7.83 -2.47
N LEU C 67 -8.02 -7.95 -1.71
CA LEU C 67 -7.24 -6.80 -1.28
C LEU C 67 -5.81 -6.88 -1.81
N SER C 68 -5.12 -7.98 -1.58
CA SER C 68 -3.72 -8.26 -1.93
C SER C 68 -2.81 -7.04 -1.92
N ASP C 69 -2.69 -6.44 -0.74
CA ASP C 69 -1.75 -5.33 -0.58
C ASP C 69 -1.95 -4.31 -1.70
N ILE D 2 -24.17 -14.09 0.92
CA ILE D 2 -25.40 -14.11 1.70
C ILE D 2 -25.69 -15.60 2.03
N LYS D 3 -25.81 -16.43 0.99
CA LYS D 3 -25.92 -17.88 1.12
C LYS D 3 -24.53 -18.49 0.93
N LYS D 4 -24.15 -19.39 1.79
CA LYS D 4 -22.83 -20.03 1.66
C LYS D 4 -22.87 -21.13 0.62
N PRO D 5 -21.98 -21.15 -0.36
CA PRO D 5 -21.96 -22.26 -1.30
C PRO D 5 -21.61 -23.56 -0.59
N VAL D 6 -22.03 -24.67 -1.17
CA VAL D 6 -21.83 -25.97 -0.54
C VAL D 6 -20.37 -26.38 -0.72
N ARG D 7 -19.86 -27.17 0.23
CA ARG D 7 -18.56 -27.80 0.09
C ARG D 7 -18.72 -28.99 -0.84
N ARG D 8 -17.81 -29.11 -1.81
CA ARG D 8 -17.78 -30.29 -2.69
C ARG D 8 -16.46 -31.07 -2.67
N LYS E 8 -13.77 31.47 1.22
CA LYS E 8 -13.28 30.12 1.40
C LYS E 8 -12.63 29.46 0.07
N VAL E 9 -12.07 28.28 0.33
CA VAL E 9 -11.79 27.23 -0.66
C VAL E 9 -13.06 26.43 -1.04
N ARG E 10 -13.24 26.21 -2.33
CA ARG E 10 -14.33 25.38 -2.81
C ARG E 10 -13.84 24.17 -3.59
N ARG E 11 -12.80 24.31 -4.41
CA ARG E 11 -12.31 23.19 -5.21
C ARG E 11 -10.85 22.97 -4.89
N VAL E 12 -10.48 21.72 -4.70
CA VAL E 12 -9.09 21.34 -4.45
C VAL E 12 -8.74 20.19 -5.37
N LYS E 13 -7.44 20.03 -5.60
CA LYS E 13 -6.91 18.94 -6.41
C LYS E 13 -5.99 18.12 -5.51
N THR E 14 -6.18 16.81 -5.49
CA THR E 14 -5.37 15.98 -4.62
C THR E 14 -3.99 15.80 -5.20
N ILE E 15 -2.99 15.78 -4.34
CA ILE E 15 -1.61 15.63 -4.77
C ILE E 15 -0.95 14.35 -4.29
N TYR E 16 -1.63 13.57 -3.45
CA TYR E 16 -1.21 12.23 -3.07
C TYR E 16 -2.42 11.32 -3.11
N ASP E 17 -2.14 10.03 -3.17
CA ASP E 17 -3.13 9.01 -2.89
C ASP E 17 -3.49 8.99 -1.40
N CYS E 18 -4.70 8.52 -1.09
CA CYS E 18 -5.17 8.46 0.30
C CYS E 18 -6.19 7.34 0.44
N GLN E 19 -5.92 6.43 1.37
CA GLN E 19 -6.85 5.36 1.75
C GLN E 19 -7.46 5.73 3.09
N ALA E 20 -8.78 5.72 3.16
CA ALA E 20 -9.47 6.05 4.39
C ALA E 20 -9.00 5.12 5.49
N ASP E 21 -8.77 5.67 6.68
CA ASP E 21 -8.50 4.90 7.87
C ASP E 21 -9.74 4.70 8.73
N ASN E 22 -10.74 5.55 8.54
CA ASN E 22 -11.95 5.54 9.32
C ASN E 22 -13.09 5.68 8.33
N ASP E 23 -14.27 5.28 8.78
CA ASP E 23 -15.41 5.12 7.90
C ASP E 23 -16.04 6.46 7.53
N ASP E 24 -15.54 7.58 8.04
CA ASP E 24 -16.01 8.86 7.56
C ASP E 24 -15.00 9.56 6.66
N GLU E 25 -13.93 8.89 6.28
CA GLU E 25 -12.83 9.46 5.53
C GLU E 25 -12.95 9.14 4.05
N LEU E 26 -12.52 10.08 3.21
CA LEU E 26 -12.51 9.91 1.77
C LEU E 26 -11.23 9.19 1.33
N THR E 27 -11.41 8.21 0.45
CA THR E 27 -10.37 7.49 -0.25
C THR E 27 -10.23 8.10 -1.63
N PHE E 28 -9.01 8.37 -2.04
CA PHE E 28 -8.82 8.97 -3.35
C PHE E 28 -7.43 8.66 -3.86
N ILE E 29 -7.23 8.88 -5.17
CA ILE E 29 -5.91 8.86 -5.76
C ILE E 29 -5.52 10.30 -6.08
N GLU E 30 -4.24 10.46 -6.39
CA GLU E 30 -3.69 11.73 -6.84
C GLU E 30 -4.39 12.19 -8.11
N GLY E 31 -4.47 13.51 -8.29
CA GLY E 31 -5.04 14.05 -9.49
C GLY E 31 -6.54 14.28 -9.49
N GLU E 32 -7.22 14.04 -8.39
CA GLU E 32 -8.67 14.16 -8.38
C GLU E 32 -9.06 15.51 -7.83
N VAL E 33 -10.19 16.03 -8.32
CA VAL E 33 -10.77 17.27 -7.83
C VAL E 33 -11.78 16.93 -6.75
N ILE E 34 -11.67 17.61 -5.61
CA ILE E 34 -12.61 17.50 -4.50
C ILE E 34 -13.36 18.81 -4.40
N ILE E 35 -14.67 18.72 -4.24
CA ILE E 35 -15.52 19.83 -3.82
C ILE E 35 -15.56 19.89 -2.31
N VAL E 36 -15.05 20.97 -1.75
CA VAL E 36 -14.99 21.15 -0.31
C VAL E 36 -16.33 21.69 0.16
N THR E 37 -16.96 20.97 1.07
CA THR E 37 -18.27 21.37 1.60
C THR E 37 -18.26 21.58 3.12
N GLY E 38 -17.13 21.43 3.77
CA GLY E 38 -17.09 21.55 5.20
C GLY E 38 -15.66 21.44 5.72
N GLU E 39 -15.53 21.68 7.00
CA GLU E 39 -14.27 21.62 7.68
C GLU E 39 -14.43 20.85 8.96
N GLU E 40 -13.50 19.95 9.23
CA GLU E 40 -13.39 19.39 10.56
C GLU E 40 -12.46 20.22 11.42
N ASP E 41 -11.28 20.53 10.93
CA ASP E 41 -10.37 21.46 11.59
C ASP E 41 -9.37 21.94 10.55
N GLN E 42 -8.30 22.57 11.02
CA GLN E 42 -7.35 23.17 10.07
C GLN E 42 -6.67 22.11 9.23
N GLU E 43 -6.57 20.87 9.73
CA GLU E 43 -5.89 19.82 9.01
C GLU E 43 -6.82 18.86 8.29
N TRP E 44 -8.12 18.91 8.53
CA TRP E 44 -9.05 17.96 7.92
C TRP E 44 -10.24 18.75 7.40
N TRP E 45 -10.52 18.62 6.11
CA TRP E 45 -11.71 19.20 5.53
C TRP E 45 -12.65 18.09 5.12
N ILE E 46 -13.83 18.46 4.67
CA ILE E 46 -14.86 17.52 4.25
C ILE E 46 -15.31 17.87 2.84
N GLY E 47 -15.54 16.86 2.02
CA GLY E 47 -15.97 17.14 0.68
C GLY E 47 -16.28 15.87 -0.07
N HIS E 48 -16.39 16.02 -1.38
CA HIS E 48 -16.69 14.89 -2.24
C HIS E 48 -16.02 15.06 -3.57
N ILE E 49 -15.92 13.95 -4.30
CA ILE E 49 -15.24 13.98 -5.58
C ILE E 49 -16.10 14.72 -6.61
N GLU E 50 -15.50 15.69 -7.28
CA GLU E 50 -16.17 16.36 -8.38
C GLU E 50 -16.42 15.37 -9.50
N GLY E 51 -17.68 15.28 -9.91
CA GLY E 51 -18.09 14.29 -10.87
C GLY E 51 -18.49 12.95 -10.27
N GLN E 52 -18.15 12.68 -9.00
CA GLN E 52 -18.56 11.43 -8.32
C GLN E 52 -18.97 11.74 -6.89
N PRO E 53 -20.10 12.46 -6.73
CA PRO E 53 -20.44 13.03 -5.42
C PRO E 53 -20.70 12.01 -4.35
N GLU E 54 -20.95 10.78 -4.73
CA GLU E 54 -21.14 9.73 -3.73
C GLU E 54 -19.82 9.33 -3.10
N ARG E 55 -18.69 9.69 -3.69
CA ARG E 55 -17.39 9.49 -3.04
C ARG E 55 -17.10 10.74 -2.21
N LYS E 56 -17.23 10.61 -0.90
CA LYS E 56 -17.22 11.77 -0.02
C LYS E 56 -16.69 11.38 1.36
N GLY E 57 -16.22 12.39 2.09
CA GLY E 57 -15.80 12.20 3.46
C GLY E 57 -14.76 13.22 3.87
N VAL E 58 -14.15 12.95 5.01
CA VAL E 58 -13.14 13.83 5.60
C VAL E 58 -11.77 13.51 4.99
N PHE E 59 -10.97 14.53 4.73
CA PHE E 59 -9.69 14.29 4.07
C PHE E 59 -8.65 15.27 4.57
N PRO E 60 -7.37 14.90 4.50
CA PRO E 60 -6.31 15.77 5.03
C PRO E 60 -6.03 16.90 4.05
N VAL E 61 -5.97 18.12 4.58
CA VAL E 61 -5.72 19.32 3.76
C VAL E 61 -4.33 19.28 3.13
N SER E 62 -3.38 18.67 3.82
CA SER E 62 -2.03 18.55 3.33
C SER E 62 -1.95 17.64 2.12
N PHE E 63 -3.01 16.93 1.77
CA PHE E 63 -2.98 16.04 0.61
C PHE E 63 -3.58 16.69 -0.63
N VAL E 64 -3.90 17.98 -0.58
CA VAL E 64 -4.54 18.64 -1.69
C VAL E 64 -3.91 20.01 -1.97
N HIS E 65 -4.10 20.44 -3.20
CA HIS E 65 -3.73 21.80 -3.57
C HIS E 65 -5.00 22.60 -3.83
N ILE E 66 -5.05 23.80 -3.27
CA ILE E 66 -6.20 24.67 -3.50
C ILE E 66 -6.30 25.01 -4.98
N LEU E 67 -7.50 24.83 -5.54
CA LEU E 67 -7.81 25.06 -6.94
C LEU E 67 -8.90 26.11 -7.13
N SER E 68 -10.06 25.90 -6.48
CA SER E 68 -11.28 26.70 -6.57
C SER E 68 -11.57 27.16 -8.01
N ILE F 2 4.57 10.97 2.21
CA ILE F 2 4.16 11.99 3.17
C ILE F 2 3.30 11.33 4.27
N LYS F 3 3.37 11.89 5.48
CA LYS F 3 2.63 11.37 6.63
C LYS F 3 1.31 12.13 6.79
N LYS F 4 0.25 11.37 7.06
CA LYS F 4 -1.10 11.88 7.27
C LYS F 4 -1.21 12.46 8.68
N PRO F 5 -1.75 13.67 8.84
CA PRO F 5 -1.95 14.18 10.19
C PRO F 5 -2.94 13.31 10.94
N VAL F 6 -2.89 13.38 12.27
CA VAL F 6 -3.79 12.55 13.08
C VAL F 6 -5.15 13.23 13.09
N ARG F 7 -6.19 12.39 13.14
CA ARG F 7 -7.54 12.90 13.34
C ARG F 7 -7.74 13.26 14.80
N ARG F 8 -8.46 14.35 15.04
CA ARG F 8 -8.92 14.66 16.39
C ARG F 8 -9.87 13.58 16.90
N LYS G 8 -1.82 -0.93 -17.17
CA LYS G 8 -2.32 0.32 -16.62
C LYS G 8 -1.39 0.94 -15.58
N VAL G 9 -0.22 1.42 -16.02
CA VAL G 9 0.80 1.93 -15.10
C VAL G 9 0.43 3.35 -14.67
N ARG G 10 0.45 3.60 -13.37
CA ARG G 10 0.10 4.92 -12.90
C ARG G 10 1.20 5.61 -12.11
N ARG G 11 1.92 4.90 -11.25
CA ARG G 11 2.95 5.49 -10.43
C ARG G 11 4.24 4.76 -10.71
N VAL G 12 5.32 5.53 -10.94
CA VAL G 12 6.65 4.99 -11.12
C VAL G 12 7.59 5.72 -10.17
N LYS G 13 8.72 5.07 -9.88
CA LYS G 13 9.77 5.64 -9.05
C LYS G 13 11.05 5.73 -9.87
N THR G 14 11.66 6.91 -9.86
CA THR G 14 12.85 7.13 -10.66
C THR G 14 14.04 6.45 -10.02
N ILE G 15 14.88 5.86 -10.86
CA ILE G 15 16.05 5.12 -10.38
C ILE G 15 17.35 5.74 -10.83
N TYR G 16 17.31 6.76 -11.70
CA TYR G 16 18.45 7.55 -12.08
C TYR G 16 18.04 9.01 -12.07
N ASP G 17 19.04 9.88 -12.00
CA ASP G 17 18.87 11.29 -12.30
C ASP G 17 18.63 11.52 -13.79
N CYS G 18 17.96 12.61 -14.13
CA CYS G 18 17.64 12.91 -15.53
C CYS G 18 17.46 14.41 -15.72
N GLN G 19 18.27 15.00 -16.61
CA GLN G 19 18.20 16.41 -16.98
C GLN G 19 17.58 16.48 -18.37
N ALA G 20 16.51 17.28 -18.48
CA ALA G 20 15.82 17.40 -19.75
C ALA G 20 16.76 17.92 -20.82
N ASP G 21 16.66 17.32 -22.00
CA ASP G 21 17.35 17.79 -23.18
C ASP G 21 16.48 18.66 -24.07
N ASN G 22 15.18 18.59 -23.91
CA ASN G 22 14.23 19.32 -24.72
C ASN G 22 13.19 19.92 -23.81
N ASP G 23 12.49 20.92 -24.33
CA ASP G 23 11.63 21.72 -23.47
C ASP G 23 10.33 21.02 -23.12
N ASP G 24 10.08 19.79 -23.59
CA ASP G 24 8.93 19.03 -23.13
C ASP G 24 9.33 17.87 -22.21
N GLU G 25 10.58 17.79 -21.79
CA GLU G 25 11.08 16.67 -21.02
C GLU G 25 11.15 17.02 -19.55
N LEU G 26 10.88 16.00 -18.73
CA LEU G 26 10.94 16.13 -17.30
C LEU G 26 12.36 15.95 -16.78
N THR G 27 12.75 16.83 -15.87
CA THR G 27 13.99 16.79 -15.14
C THR G 27 13.70 16.29 -13.74
N PHE G 28 14.49 15.33 -13.28
CA PHE G 28 14.28 14.75 -11.97
C PHE G 28 15.57 14.17 -11.45
N ILE G 29 15.59 13.89 -10.16
CA ILE G 29 16.64 13.12 -9.53
C ILE G 29 16.05 11.75 -9.22
N GLU G 30 16.94 10.84 -8.85
CA GLU G 30 16.61 9.51 -8.38
C GLU G 30 15.77 9.59 -7.12
N GLY G 31 14.92 8.57 -6.93
CA GLY G 31 14.08 8.46 -5.78
C GLY G 31 12.74 9.17 -5.84
N GLU G 32 12.39 9.79 -6.96
CA GLU G 32 11.14 10.56 -7.02
C GLU G 32 10.02 9.75 -7.62
N VAL G 33 8.81 10.03 -7.17
CA VAL G 33 7.62 9.37 -7.70
C VAL G 33 7.04 10.26 -8.79
N ILE G 34 6.77 9.64 -9.93
CA ILE G 34 6.13 10.25 -11.08
C ILE G 34 4.76 9.65 -11.24
N ILE G 35 3.77 10.49 -11.44
CA ILE G 35 2.44 10.09 -11.90
C ILE G 35 2.43 10.02 -13.42
N VAL G 36 2.21 8.83 -13.96
CA VAL G 36 2.19 8.64 -15.40
C VAL G 36 0.81 9.00 -15.92
N THR G 37 0.76 9.94 -16.86
CA THR G 37 -0.48 10.44 -17.41
C THR G 37 -0.56 10.26 -18.93
N GLY G 38 0.46 9.68 -19.54
CA GLY G 38 0.49 9.58 -20.98
C GLY G 38 1.69 8.78 -21.43
N GLU G 39 1.68 8.47 -22.71
CA GLU G 39 2.72 7.68 -23.33
C GLU G 39 3.12 8.36 -24.62
N GLU G 40 4.42 8.52 -24.85
CA GLU G 40 4.87 8.93 -26.16
C GLU G 40 5.15 7.71 -27.04
N ASP G 41 5.91 6.76 -26.51
CA ASP G 41 6.12 5.47 -27.17
C ASP G 41 6.58 4.52 -26.11
N GLN G 42 7.11 3.38 -26.54
CA GLN G 42 7.45 2.32 -25.58
C GLN G 42 8.57 2.76 -24.65
N GLU G 43 9.41 3.69 -25.08
CA GLU G 43 10.56 4.12 -24.31
C GLU G 43 10.39 5.45 -23.61
N TRP G 44 9.34 6.21 -23.93
CA TRP G 44 9.12 7.54 -23.38
C TRP G 44 7.67 7.67 -22.93
N TRP G 45 7.48 7.98 -21.67
CA TRP G 45 6.16 8.22 -21.10
C TRP G 45 6.05 9.68 -20.73
N ILE G 46 4.87 10.07 -20.30
CA ILE G 46 4.60 11.45 -19.93
C ILE G 46 4.00 11.47 -18.54
N GLY G 47 4.41 12.42 -17.71
CA GLY G 47 3.86 12.49 -16.38
C GLY G 47 4.33 13.71 -15.62
N HIS G 48 4.08 13.66 -14.31
CA HIS G 48 4.51 14.73 -13.45
C HIS G 48 4.89 14.19 -12.09
N ILE G 49 5.60 15.03 -11.34
CA ILE G 49 6.12 14.59 -10.05
C ILE G 49 4.96 14.52 -9.04
N GLU G 50 4.83 13.39 -8.37
CA GLU G 50 3.85 13.28 -7.30
C GLU G 50 4.21 14.23 -6.17
N GLY G 51 3.24 15.08 -5.81
CA GLY G 51 3.45 16.15 -4.84
C GLY G 51 3.93 17.46 -5.44
N GLN G 52 4.40 17.46 -6.69
CA GLN G 52 4.86 18.68 -7.37
C GLN G 52 4.39 18.66 -8.83
N PRO G 53 3.07 18.77 -9.03
CA PRO G 53 2.51 18.49 -10.37
C PRO G 53 2.96 19.47 -11.44
N GLU G 54 3.45 20.63 -11.06
CA GLU G 54 3.96 21.52 -12.11
C GLU G 54 5.27 21.04 -12.69
N ARG G 55 5.95 20.11 -12.04
CA ARG G 55 7.14 19.46 -12.62
C ARG G 55 6.66 18.29 -13.46
N LYS G 56 6.68 18.45 -14.79
CA LYS G 56 6.01 17.48 -15.64
C LYS G 56 6.67 17.44 -17.00
N GLY G 57 6.44 16.36 -17.72
CA GLY G 57 6.93 16.24 -19.08
C GLY G 57 7.21 14.79 -19.45
N VAL G 58 7.88 14.62 -20.58
CA VAL G 58 8.20 13.32 -21.14
C VAL G 58 9.48 12.79 -20.48
N PHE G 59 9.52 11.50 -20.20
CA PHE G 59 10.66 10.93 -19.51
C PHE G 59 10.91 9.50 -20.02
N PRO G 60 12.17 9.03 -19.87
CA PRO G 60 12.50 7.69 -20.39
C PRO G 60 12.01 6.62 -19.42
N VAL G 61 11.34 5.60 -19.97
CA VAL G 61 10.79 4.51 -19.15
C VAL G 61 11.92 3.72 -18.48
N SER G 62 13.07 3.62 -19.13
CA SER G 62 14.17 2.89 -18.55
C SER G 62 14.75 3.58 -17.33
N PHE G 63 14.34 4.82 -17.03
CA PHE G 63 14.85 5.51 -15.84
C PHE G 63 13.92 5.38 -14.65
N VAL G 64 12.89 4.54 -14.73
CA VAL G 64 11.96 4.43 -13.62
C VAL G 64 11.66 2.97 -13.32
N HIS G 65 11.19 2.76 -12.11
CA HIS G 65 10.66 1.47 -11.71
C HIS G 65 9.15 1.59 -11.53
N ILE G 66 8.40 0.64 -12.06
CA ILE G 66 6.95 0.63 -11.90
C ILE G 66 6.60 0.41 -10.43
N LEU G 67 5.71 1.24 -9.91
CA LEU G 67 5.27 1.13 -8.53
C LEU G 67 3.81 0.72 -8.43
N SER G 68 2.91 1.47 -9.07
CA SER G 68 1.47 1.26 -8.99
C SER G 68 0.91 1.17 -10.38
N ILE H 2 22.86 4.27 -16.86
CA ILE H 2 22.72 3.87 -18.25
C ILE H 2 22.62 5.10 -19.18
N LYS H 3 22.46 4.81 -20.46
CA LYS H 3 22.34 5.79 -21.53
C LYS H 3 20.86 6.06 -21.81
N LYS H 4 20.54 7.32 -22.01
CA LYS H 4 19.17 7.71 -22.31
C LYS H 4 18.81 7.34 -23.75
N PRO H 5 17.70 6.66 -23.99
CA PRO H 5 17.28 6.39 -25.36
C PRO H 5 16.99 7.69 -26.10
N VAL H 6 17.05 7.63 -27.44
CA VAL H 6 16.82 8.83 -28.24
C VAL H 6 15.32 9.06 -28.34
N ARG H 7 14.93 10.33 -28.48
CA ARG H 7 13.54 10.65 -28.79
C ARG H 7 13.31 10.34 -30.26
N ARG H 8 12.20 9.66 -30.56
CA ARG H 8 11.79 9.44 -31.95
C ARG H 8 10.37 9.95 -32.22
#